data_3I2Z
#
_entry.id   3I2Z
#
_cell.length_a   29.395
_cell.length_b   46.798
_cell.length_c   46.718
_cell.angle_alpha   90.00
_cell.angle_beta   103.84
_cell.angle_gamma   90.00
#
_symmetry.space_group_name_H-M   'P 1 21 1'
#
loop_
_entity.id
_entity.type
_entity.pdbx_description
1 polymer 'RNA chaperone, negative regulator of cspA transcription'
2 water water
#
_entity_poly.entity_id   1
_entity_poly.type   'polypeptide(L)'
_entity_poly.pdbx_seq_one_letter_code
;SHMSKIKGNVKWFNESKGFGFITPEDGSKDVFVHFSAIQTNGFKTLAEGQRVEFEITNGAKGPSAANVTAL
;
_entity_poly.pdbx_strand_id   B,A
#
# COMPACT_ATOMS: atom_id res chain seq x y z
N LYS A 5 12.20 16.44 4.53
CA LYS A 5 13.49 16.70 3.85
C LYS A 5 13.59 15.95 2.52
N ILE A 6 12.67 15.02 2.28
CA ILE A 6 12.64 14.43 0.96
C ILE A 6 11.26 14.55 0.35
N LYS A 7 11.21 14.42 -0.97
CA LYS A 7 10.00 14.67 -1.69
C LYS A 7 9.46 13.38 -2.31
N GLY A 8 8.15 13.29 -2.40
CA GLY A 8 7.57 12.09 -2.99
C GLY A 8 6.14 12.32 -3.39
N ASN A 9 5.45 11.24 -3.73
CA ASN A 9 4.04 11.30 -4.09
C ASN A 9 3.30 10.21 -3.35
N VAL A 10 2.12 10.58 -2.84
CA VAL A 10 1.29 9.58 -2.17
C VAL A 10 0.87 8.50 -3.15
N LYS A 11 1.23 7.27 -2.88
CA LYS A 11 0.87 6.17 -3.73
C LYS A 11 -0.59 5.76 -3.51
N TRP A 12 -0.94 5.64 -2.24
CA TRP A 12 -2.18 5.00 -1.83
C TRP A 12 -2.44 5.46 -0.44
N PHE A 13 -3.71 5.67 -0.14
CA PHE A 13 -4.09 6.06 1.19
C PHE A 13 -5.50 5.57 1.53
N ASN A 14 -5.68 5.04 2.75
CA ASN A 14 -7.00 4.68 3.30
C ASN A 14 -7.37 5.60 4.44
N GLU A 15 -8.38 6.45 4.25
CA GLU A 15 -8.81 7.47 5.28
C GLU A 15 -9.20 7.02 6.77
N SER A 16 -10.02 6.01 6.82
CA SER A 16 -10.62 5.48 8.03
C SER A 16 -9.60 4.68 8.87
N LYS A 17 -8.72 3.94 8.16
CA LYS A 17 -7.77 3.13 8.84
C LYS A 17 -6.60 3.97 9.29
N GLY A 18 -6.44 5.11 8.60
CA GLY A 18 -5.52 6.11 9.04
C GLY A 18 -4.10 5.88 8.48
N PHE A 19 -3.91 5.21 7.31
CA PHE A 19 -2.54 4.97 6.80
C PHE A 19 -2.47 4.89 5.31
N GLY A 20 -1.24 5.04 4.81
CA GLY A 20 -0.96 4.81 3.40
C GLY A 20 0.53 4.71 3.18
N PHE A 21 0.88 4.93 1.90
CA PHE A 21 2.28 4.83 1.46
C PHE A 21 2.62 5.98 0.58
N ILE A 22 3.89 6.38 0.67
CA ILE A 22 4.46 7.44 -0.16
C ILE A 22 5.62 6.85 -0.99
N THR A 23 5.62 7.17 -2.28
CA THR A 23 6.71 6.81 -3.21
C THR A 23 7.74 7.95 -3.29
N PRO A 24 8.97 7.74 -2.80
CA PRO A 24 9.97 8.83 -2.87
C PRO A 24 10.32 9.17 -4.32
N GLU A 25 10.59 10.43 -4.58
CA GLU A 25 11.03 10.89 -5.87
C GLU A 25 12.29 10.19 -6.34
N ASP A 26 13.15 9.76 -5.42
CA ASP A 26 14.41 9.22 -5.88
C ASP A 26 14.23 7.77 -6.39
N GLY A 27 13.01 7.27 -6.34
CA GLY A 27 12.70 5.92 -6.85
C GLY A 27 12.99 4.79 -5.90
N SER A 28 13.40 5.12 -4.65
CA SER A 28 13.66 4.13 -3.60
C SER A 28 12.36 3.60 -3.05
N LYS A 29 12.44 2.69 -2.07
CA LYS A 29 11.26 1.91 -1.74
C LYS A 29 10.16 2.76 -1.10
N ASP A 30 8.92 2.35 -1.29
CA ASP A 30 7.75 3.09 -0.72
C ASP A 30 7.81 3.05 0.81
N VAL A 31 7.40 4.17 1.42
CA VAL A 31 7.45 4.29 2.88
C VAL A 31 6.05 4.45 3.43
N PHE A 32 5.85 3.79 4.54
CA PHE A 32 4.58 3.88 5.27
C PHE A 32 4.33 5.28 5.82
N VAL A 33 3.05 5.67 5.85
CA VAL A 33 2.68 6.95 6.50
C VAL A 33 1.42 6.74 7.27
N HIS A 34 1.48 7.15 8.55
CA HIS A 34 0.32 7.15 9.46
C HIS A 34 -0.37 8.54 9.46
N PHE A 35 -1.69 8.57 9.66
CA PHE A 35 -2.44 9.86 9.57
C PHE A 35 -1.88 10.87 10.56
N SER A 36 -1.29 10.39 11.65
CA SER A 36 -0.83 11.32 12.71
C SER A 36 0.39 12.13 12.22
N ALA A 37 1.02 11.68 11.12
CA ALA A 37 2.12 12.41 10.53
C ALA A 37 1.69 13.59 9.68
N ILE A 38 0.42 13.64 9.28
CA ILE A 38 -0.09 14.62 8.30
C ILE A 38 -0.29 15.95 8.97
N GLN A 39 0.47 16.95 8.53
CA GLN A 39 0.37 18.28 9.12
C GLN A 39 -0.76 19.05 8.40
N THR A 40 -1.90 19.19 9.09
CA THR A 40 -3.11 19.91 8.65
C THR A 40 -3.95 20.16 9.94
N ASN A 41 -4.73 21.24 10.05
CA ASN A 41 -5.38 21.99 8.99
C ASN A 41 -6.37 21.10 8.22
N GLY A 42 -7.28 20.52 9.01
CA GLY A 42 -8.46 19.85 8.49
C GLY A 42 -8.38 18.34 8.49
N PHE A 43 -8.89 17.70 7.44
CA PHE A 43 -8.92 16.25 7.37
C PHE A 43 -7.50 15.70 7.31
N LYS A 44 -7.22 14.73 8.18
CA LYS A 44 -5.90 14.09 8.21
C LYS A 44 -5.89 12.95 7.22
N THR A 45 -5.89 13.33 5.95
CA THR A 45 -5.93 12.37 4.85
C THR A 45 -5.00 12.83 3.71
N LEU A 46 -4.74 11.93 2.77
CA LEU A 46 -3.90 12.27 1.65
C LEU A 46 -4.52 11.66 0.43
N ALA A 47 -4.42 12.36 -0.69
CA ALA A 47 -5.01 11.91 -1.95
C ALA A 47 -3.94 11.16 -2.68
N GLU A 48 -4.36 10.09 -3.36
CA GLU A 48 -3.48 9.38 -4.28
C GLU A 48 -2.90 10.36 -5.30
N GLY A 49 -1.58 10.36 -5.44
CA GLY A 49 -0.90 11.23 -6.39
C GLY A 49 -0.32 12.52 -5.84
N GLN A 50 -0.77 12.91 -4.65
CA GLN A 50 -0.38 14.19 -4.04
C GLN A 50 1.13 14.26 -3.80
N ARG A 51 1.74 15.36 -4.24
CA ARG A 51 3.15 15.65 -3.93
C ARG A 51 3.31 16.09 -2.48
N VAL A 52 4.26 15.49 -1.78
CA VAL A 52 4.47 15.81 -0.37
C VAL A 52 5.95 15.93 -0.05
N GLU A 53 6.28 16.56 1.06
CA GLU A 53 7.63 16.59 1.56
C GLU A 53 7.53 15.95 2.96
N PHE A 54 8.54 15.22 3.36
CA PHE A 54 8.49 14.47 4.63
C PHE A 54 9.89 14.11 5.07
N GLU A 55 10.00 13.62 6.31
CA GLU A 55 11.26 13.07 6.78
C GLU A 55 11.05 11.58 7.05
N ILE A 56 12.10 10.77 6.90
CA ILE A 56 12.00 9.34 7.22
C ILE A 56 12.36 9.07 8.67
N THR A 57 11.48 8.36 9.36
CA THR A 57 11.72 7.87 10.72
C THR A 57 11.66 6.34 10.75
N ASN A 58 12.34 5.73 11.69
CA ASN A 58 12.27 4.28 11.93
C ASN A 58 11.11 3.92 12.84
N GLY A 59 9.99 3.45 12.30
CA GLY A 59 8.83 3.14 13.16
C GLY A 59 8.50 1.66 13.28
N ALA A 60 7.34 1.34 13.85
CA ALA A 60 6.86 -0.05 13.98
C ALA A 60 6.79 -0.70 12.58
N LYS A 61 6.53 0.07 11.55
CA LYS A 61 6.34 -0.55 10.21
C LYS A 61 7.58 -0.41 9.36
N GLY A 62 8.72 -0.12 9.96
CA GLY A 62 9.91 0.14 9.19
C GLY A 62 10.00 1.62 8.87
N PRO A 63 10.77 1.92 7.83
CA PRO A 63 10.91 3.30 7.39
C PRO A 63 9.57 3.93 7.10
N SER A 64 9.36 5.05 7.77
CA SER A 64 8.05 5.66 7.75
C SER A 64 8.21 7.15 7.55
N ALA A 65 7.11 7.83 7.18
CA ALA A 65 7.14 9.26 6.94
C ALA A 65 6.68 10.04 8.16
N ALA A 66 7.47 11.07 8.48
CA ALA A 66 7.18 11.98 9.58
C ALA A 66 7.06 13.39 8.98
N ASN A 67 6.32 14.25 9.68
CA ASN A 67 6.24 15.68 9.38
C ASN A 67 5.90 15.89 7.92
N VAL A 68 4.79 15.28 7.53
CA VAL A 68 4.39 15.26 6.13
C VAL A 68 3.66 16.55 5.79
N THR A 69 4.21 17.29 4.83
CA THR A 69 3.63 18.56 4.41
C THR A 69 3.29 18.52 2.92
N ALA A 70 2.23 19.23 2.53
CA ALA A 70 1.82 19.35 1.13
C ALA A 70 2.81 20.19 0.36
N LEU A 71 3.07 19.78 -0.89
CA LEU A 71 3.89 20.57 -1.80
C LEU A 71 3.04 21.31 -2.82
N SER B 1 -16.89 -3.02 -7.53
CA SER B 1 -17.18 -4.47 -7.30
C SER B 1 -16.92 -5.31 -8.59
N HIS B 2 -16.95 -6.64 -8.49
CA HIS B 2 -16.27 -7.52 -9.46
C HIS B 2 -17.02 -8.75 -9.70
N MET B 3 -16.90 -9.21 -10.90
CA MET B 3 -17.57 -10.37 -11.32
C MET B 3 -16.93 -11.60 -10.74
N SER B 4 -15.61 -11.54 -10.54
CA SER B 4 -14.85 -12.69 -10.09
C SER B 4 -13.55 -12.23 -9.46
N LYS B 5 -12.79 -13.17 -8.94
N LYS B 5 -12.77 -13.20 -8.96
CA LYS B 5 -11.43 -12.85 -8.58
CA LYS B 5 -11.37 -12.95 -8.55
C LYS B 5 -10.69 -12.31 -9.81
C LYS B 5 -10.56 -12.53 -9.77
N ILE B 6 -9.54 -11.71 -9.56
CA ILE B 6 -8.68 -11.32 -10.67
C ILE B 6 -7.24 -11.74 -10.33
N LYS B 7 -6.40 -11.63 -11.32
CA LYS B 7 -5.04 -12.07 -11.19
C LYS B 7 -4.13 -10.86 -11.17
N GLY B 8 -2.88 -11.07 -10.69
CA GLY B 8 -1.90 -10.03 -10.75
C GLY B 8 -0.54 -10.56 -10.34
N ASN B 9 0.40 -9.67 -10.38
CA ASN B 9 1.78 -9.96 -9.95
C ASN B 9 2.06 -9.09 -8.73
N VAL B 10 2.73 -9.66 -7.73
CA VAL B 10 3.17 -8.85 -6.56
C VAL B 10 4.17 -7.83 -6.99
N LYS B 11 3.90 -6.56 -6.74
CA LYS B 11 4.76 -5.47 -7.07
C LYS B 11 5.97 -5.43 -6.09
N TRP B 12 5.68 -5.41 -4.77
CA TRP B 12 6.69 -5.56 -3.74
C TRP B 12 5.99 -6.12 -2.53
N PHE B 13 6.76 -6.77 -1.67
CA PHE B 13 6.20 -7.32 -0.40
C PHE B 13 7.32 -7.42 0.63
N ASN B 14 7.09 -6.78 1.76
CA ASN B 14 7.98 -6.87 2.93
C ASN B 14 7.65 -8.17 3.64
N GLU B 15 8.50 -9.18 3.46
CA GLU B 15 8.20 -10.51 3.96
C GLU B 15 8.30 -10.61 5.48
N SER B 16 9.06 -9.71 6.09
CA SER B 16 9.18 -9.76 7.53
C SER B 16 7.98 -9.05 8.18
N LYS B 17 7.66 -7.82 7.69
CA LYS B 17 6.59 -6.94 8.23
C LYS B 17 5.20 -7.43 7.74
N GLY B 18 5.14 -8.14 6.62
CA GLY B 18 3.92 -8.76 6.12
C GLY B 18 2.94 -7.82 5.40
N PHE B 19 3.46 -6.96 4.53
CA PHE B 19 2.56 -6.13 3.70
C PHE B 19 3.27 -5.75 2.41
N GLY B 20 2.49 -5.34 1.43
CA GLY B 20 3.04 -4.88 0.14
C GLY B 20 1.89 -4.51 -0.77
N PHE B 21 2.18 -4.61 -2.08
CA PHE B 21 1.23 -4.22 -3.16
C PHE B 21 1.22 -5.25 -4.25
N ILE B 22 0.06 -5.39 -4.88
CA ILE B 22 -0.17 -6.26 -6.05
C ILE B 22 -0.55 -5.38 -7.23
N THR B 23 0.07 -5.61 -8.37
CA THR B 23 -0.36 -4.98 -9.65
C THR B 23 -1.38 -5.87 -10.38
N PRO B 24 -2.63 -5.39 -10.47
CA PRO B 24 -3.63 -6.27 -11.13
C PRO B 24 -3.38 -6.40 -12.62
N GLU B 25 -3.84 -7.53 -13.13
CA GLU B 25 -3.74 -7.80 -14.56
C GLU B 25 -4.48 -6.75 -15.46
N ASP B 26 -5.49 -6.05 -14.97
CA ASP B 26 -6.47 -5.27 -15.78
C ASP B 26 -6.03 -3.87 -15.94
N GLY B 27 -4.83 -3.53 -15.49
CA GLY B 27 -4.35 -2.15 -15.68
C GLY B 27 -4.78 -1.14 -14.63
N SER B 28 -5.54 -1.56 -13.61
CA SER B 28 -5.99 -0.62 -12.61
C SER B 28 -4.84 -0.43 -11.56
N LYS B 29 -5.03 0.49 -10.65
CA LYS B 29 -3.98 0.87 -9.69
C LYS B 29 -3.57 -0.29 -8.78
N ASP B 30 -2.34 -0.20 -8.26
CA ASP B 30 -1.84 -1.24 -7.33
C ASP B 30 -2.76 -1.33 -6.12
N VAL B 31 -2.90 -2.56 -5.64
CA VAL B 31 -3.78 -2.91 -4.54
C VAL B 31 -2.92 -3.30 -3.32
N PHE B 32 -3.21 -2.71 -2.17
CA PHE B 32 -2.50 -3.04 -0.93
C PHE B 32 -2.85 -4.43 -0.47
N VAL B 33 -1.84 -5.15 0.01
CA VAL B 33 -2.09 -6.48 0.59
C VAL B 33 -1.36 -6.63 1.91
N HIS B 34 -2.14 -7.09 2.89
CA HIS B 34 -1.58 -7.44 4.20
C HIS B 34 -1.53 -8.91 4.35
N PHE B 35 -0.59 -9.43 5.18
CA PHE B 35 -0.40 -10.86 5.25
C PHE B 35 -1.66 -11.65 5.62
N SER B 36 -2.53 -11.03 6.43
CA SER B 36 -3.75 -11.69 6.89
C SER B 36 -4.70 -12.06 5.72
N ALA B 37 -4.53 -11.44 4.54
CA ALA B 37 -5.37 -11.75 3.37
C ALA B 37 -4.87 -13.02 2.70
N ILE B 38 -3.65 -13.50 2.97
CA ILE B 38 -3.08 -14.63 2.29
C ILE B 38 -3.65 -15.92 2.74
N GLN B 39 -4.10 -16.76 1.85
CA GLN B 39 -4.81 -17.98 2.17
C GLN B 39 -3.86 -19.16 2.39
N THR B 40 -2.63 -19.01 1.92
CA THR B 40 -1.68 -20.10 1.94
C THR B 40 -1.47 -20.63 3.35
N ASN B 41 -1.38 -21.95 3.48
CA ASN B 41 -1.01 -22.61 4.74
C ASN B 41 0.37 -22.18 5.27
N GLY B 42 0.58 -22.14 6.58
CA GLY B 42 1.91 -21.83 7.07
C GLY B 42 2.20 -20.36 7.28
N PHE B 43 3.46 -19.99 7.20
CA PHE B 43 3.87 -18.61 7.42
C PHE B 43 3.45 -17.81 6.20
N LYS B 44 2.65 -16.79 6.40
CA LYS B 44 1.96 -16.07 5.31
C LYS B 44 2.91 -15.07 4.72
N THR B 45 3.27 -15.24 3.41
CA THR B 45 4.17 -14.27 2.76
C THR B 45 3.92 -14.33 1.23
N LEU B 46 4.51 -13.34 0.56
CA LEU B 46 4.54 -13.28 -0.89
C LEU B 46 5.87 -12.80 -1.29
N ALA B 47 6.28 -13.17 -2.53
CA ALA B 47 7.55 -12.74 -3.08
C ALA B 47 7.30 -11.73 -4.16
N GLU B 48 8.19 -10.80 -4.29
CA GLU B 48 8.10 -9.85 -5.37
C GLU B 48 8.04 -10.63 -6.69
N GLY B 49 7.10 -10.25 -7.58
CA GLY B 49 6.86 -10.86 -8.86
C GLY B 49 6.00 -12.03 -8.82
N GLN B 50 5.62 -12.54 -7.64
CA GLN B 50 4.81 -13.69 -7.56
C GLN B 50 3.39 -13.49 -8.19
N ARG B 51 2.95 -14.56 -8.89
CA ARG B 51 1.58 -14.54 -9.48
C ARG B 51 0.54 -14.94 -8.45
N VAL B 52 -0.51 -14.16 -8.39
CA VAL B 52 -1.56 -14.39 -7.36
C VAL B 52 -2.93 -14.15 -7.98
N GLU B 53 -3.94 -14.65 -7.31
CA GLU B 53 -5.34 -14.43 -7.57
C GLU B 53 -5.95 -13.83 -6.31
N PHE B 54 -6.92 -12.93 -6.45
CA PHE B 54 -7.40 -12.22 -5.29
C PHE B 54 -8.68 -11.48 -5.59
N GLU B 55 -9.33 -11.01 -4.54
CA GLU B 55 -10.49 -10.09 -4.54
C GLU B 55 -10.07 -8.68 -4.10
N ILE B 56 -10.79 -7.65 -4.57
CA ILE B 56 -10.48 -6.27 -4.20
C ILE B 56 -11.62 -5.76 -3.35
N THR B 57 -11.30 -5.03 -2.30
CA THR B 57 -12.23 -4.23 -1.50
C THR B 57 -11.79 -2.74 -1.54
N ASN B 58 -12.69 -1.79 -1.35
CA ASN B 58 -12.39 -0.41 -1.62
C ASN B 58 -11.72 0.13 -2.94
N GLY B 59 -12.26 -0.27 -4.10
CA GLY B 59 -11.61 -0.09 -5.39
C GLY B 59 -11.19 1.33 -5.71
N ALA B 60 -12.05 2.31 -5.43
CA ALA B 60 -11.78 3.67 -5.92
C ALA B 60 -10.78 4.42 -5.05
N LYS B 61 -10.75 4.14 -3.77
CA LYS B 61 -9.90 4.90 -2.87
C LYS B 61 -9.29 3.94 -1.83
N GLY B 62 -7.98 3.73 -1.86
CA GLY B 62 -7.39 2.76 -1.02
C GLY B 62 -7.82 1.30 -1.25
N PRO B 63 -7.73 0.76 -2.50
CA PRO B 63 -8.15 -0.63 -2.72
C PRO B 63 -7.22 -1.62 -1.99
N SER B 64 -7.80 -2.66 -1.41
CA SER B 64 -7.06 -3.68 -0.61
C SER B 64 -7.46 -5.03 -1.09
N ALA B 65 -6.53 -5.95 -1.00
CA ALA B 65 -6.74 -7.30 -1.45
C ALA B 65 -7.38 -8.16 -0.37
N ALA B 66 -8.20 -9.11 -0.79
CA ALA B 66 -8.76 -10.15 0.05
C ALA B 66 -8.62 -11.52 -0.60
N ASN B 67 -8.54 -12.60 0.18
N ASN B 67 -8.62 -12.56 0.22
CA ASN B 67 -8.62 -13.97 -0.39
CA ASN B 67 -8.55 -13.94 -0.24
C ASN B 67 -7.48 -14.27 -1.38
C ASN B 67 -7.53 -14.07 -1.37
N VAL B 68 -6.25 -13.87 -0.98
CA VAL B 68 -5.13 -13.93 -1.89
C VAL B 68 -4.60 -15.32 -1.95
N THR B 69 -4.54 -15.90 -3.13
CA THR B 69 -3.96 -17.23 -3.26
C THR B 69 -2.83 -17.17 -4.28
N ALA B 70 -1.80 -17.95 -4.04
CA ALA B 70 -0.67 -18.07 -4.97
C ALA B 70 -1.08 -18.91 -6.13
N LEU B 71 -0.77 -18.43 -7.35
CA LEU B 71 -1.15 -19.17 -8.55
C LEU B 71 -0.14 -20.23 -8.87
#